data_6A84
#
_entry.id   6A84
#
_cell.length_a   66.804
_cell.length_b   66.804
_cell.length_c   115.905
_cell.angle_alpha   90.00
_cell.angle_beta   90.00
_cell.angle_gamma   90.00
#
_symmetry.space_group_name_H-M   'P 41 21 2'
#
loop_
_entity.id
_entity.type
_entity.pdbx_description
1 polymer Tankyrase-2
2 polymer Tankyrase-2
3 non-polymer 'ZINC ION'
4 non-polymer "2-(4-chloro-1,2-dihydro-1'H-spiro[indole-3,4'-piperidin]-1'-yl)-5,6,7,8-tetrahydroquinazolin-4(3H)-one"
5 non-polymer 'PHOSPHATE ION'
6 non-polymer GLYCEROL
7 water water
#
loop_
_entity_poly.entity_id
_entity_poly.type
_entity_poly.pdbx_seq_one_letter_code
_entity_poly.pdbx_strand_id
1 'polypeptide(L)'
;NTSGSGTILIDLSPDDKEFQSVEEEMQSTVREHRDGGHAGGIFNRYNILKIQKVCNKKLWERYTHRRKEVSEENHNHANE
RMLFHGSPFVNAIIHKGFDERHAYIGGMFGAGIYFAENSSKSNQYVYGIGGGTGCPVHKDRSCYICHRQLLFCRVTLGKS
FLQFSAMK
;
A
2 'polypeptide(L)' MAHSPPGHHSVTGRPSVNGLALAEYVIYRGEQAYPEYLITYQIMRPEG B
#
loop_
_chem_comp.id
_chem_comp.type
_chem_comp.name
_chem_comp.formula
9SU non-polymer 2-(4-chloro-1,2-dihydro-1'H-spiro[indole-3,4'-piperidin]-1'-yl)-5,6,7,8-tetrahydroquinazolin-4(3H)-one 'C20 H23 Cl N4 O'
GOL non-polymer GLYCEROL 'C3 H8 O3'
PO4 non-polymer 'PHOSPHATE ION' 'O4 P -3'
ZN non-polymer 'ZINC ION' 'Zn 2'
#
# COMPACT_ATOMS: atom_id res chain seq x y z
N GLY A 6 18.34 7.95 8.85
CA GLY A 6 19.06 7.16 7.86
C GLY A 6 18.35 7.04 6.52
N THR A 7 17.16 7.63 6.39
CA THR A 7 16.43 7.54 5.14
C THR A 7 16.74 8.74 4.25
N ILE A 8 17.03 8.46 2.98
CA ILE A 8 17.24 9.45 1.94
C ILE A 8 16.11 9.30 0.92
N LEU A 9 15.61 10.43 0.41
CA LEU A 9 14.57 10.44 -0.62
C LEU A 9 15.15 10.99 -1.92
N ILE A 10 15.08 10.21 -2.99
CA ILE A 10 15.63 10.61 -4.29
C ILE A 10 14.47 10.90 -5.23
N ASP A 11 14.36 12.14 -5.68
CA ASP A 11 13.35 12.50 -6.66
C ASP A 11 13.62 11.81 -7.99
N LEU A 12 12.59 11.20 -8.56
CA LEU A 12 12.70 10.72 -9.93
C LEU A 12 12.21 11.78 -10.90
N SER A 13 12.88 11.87 -12.05
CA SER A 13 12.47 12.81 -13.09
C SER A 13 11.29 12.22 -13.87
N PRO A 14 10.28 13.04 -14.21
CA PRO A 14 9.17 12.51 -15.02
C PRO A 14 9.61 12.03 -16.39
N ASP A 15 10.79 12.42 -16.86
CA ASP A 15 11.36 11.89 -18.09
C ASP A 15 12.01 10.52 -17.89
N ASP A 16 12.10 10.05 -16.64
CA ASP A 16 12.74 8.77 -16.33
C ASP A 16 11.74 7.64 -16.57
N LYS A 17 12.21 6.54 -17.16
CA LYS A 17 11.33 5.39 -17.36
C LYS A 17 10.79 4.85 -16.04
N GLU A 18 11.57 4.96 -14.97
CA GLU A 18 11.14 4.46 -13.67
C GLU A 18 9.98 5.28 -13.12
N PHE A 19 10.00 6.60 -13.35
CA PHE A 19 8.86 7.43 -12.93
C PHE A 19 7.60 7.03 -13.69
N GLN A 20 7.70 6.96 -15.02
CA GLN A 20 6.54 6.63 -15.84
C GLN A 20 5.99 5.25 -15.50
N SER A 21 6.89 4.29 -15.22
CA SER A 21 6.46 2.96 -14.82
C SER A 21 5.62 3.02 -13.56
N VAL A 22 6.10 3.72 -12.54
CA VAL A 22 5.40 3.77 -11.27
C VAL A 22 4.10 4.57 -11.42
N GLU A 23 4.13 5.67 -12.16
CA GLU A 23 2.89 6.40 -12.41
C GLU A 23 1.86 5.49 -13.05
N GLU A 24 2.28 4.72 -14.07
CA GLU A 24 1.33 3.84 -14.75
C GLU A 24 0.74 2.82 -13.78
N GLU A 25 1.52 2.35 -12.80
CA GLU A 25 0.96 1.43 -11.83
C GLU A 25 -0.11 2.10 -10.97
N MET A 26 0.12 3.36 -10.57
CA MET A 26 -0.92 4.14 -9.88
C MET A 26 -2.18 4.26 -10.71
N GLN A 27 -2.02 4.74 -11.95
CA GLN A 27 -3.17 5.11 -12.77
C GLN A 27 -3.96 3.89 -13.21
N SER A 28 -3.28 2.80 -13.56
CA SER A 28 -3.99 1.66 -14.15
C SER A 28 -4.76 0.84 -13.12
N THR A 29 -4.54 1.06 -11.83
CA THR A 29 -5.19 0.25 -10.80
C THR A 29 -6.19 1.08 -10.01
N VAL A 30 -6.62 2.22 -10.54
CA VAL A 30 -7.81 2.88 -10.03
C VAL A 30 -9.04 2.07 -10.40
N ARG A 31 -9.97 1.95 -9.46
CA ARG A 31 -11.27 1.37 -9.74
C ARG A 31 -12.32 2.23 -9.05
N GLU A 32 -13.59 1.98 -9.38
CA GLU A 32 -14.68 2.52 -8.60
C GLU A 32 -14.86 1.70 -7.33
N HIS A 33 -15.30 2.36 -6.26
CA HIS A 33 -15.50 1.68 -4.98
C HIS A 33 -16.97 1.66 -4.60
N ARG A 34 -17.37 0.59 -3.91
CA ARG A 34 -18.79 0.40 -3.62
C ARG A 34 -19.33 1.43 -2.64
N ASP A 35 -18.47 2.24 -2.02
CA ASP A 35 -18.93 3.32 -1.16
C ASP A 35 -19.22 4.59 -1.96
N GLY A 36 -19.17 4.54 -3.28
CA GLY A 36 -19.47 5.70 -4.09
C GLY A 36 -18.49 6.82 -3.98
N GLY A 37 -17.31 6.57 -3.40
CA GLY A 37 -16.31 7.59 -3.18
C GLY A 37 -16.28 8.15 -1.78
N HIS A 38 -17.08 7.60 -0.86
CA HIS A 38 -17.22 8.21 0.46
C HIS A 38 -15.87 8.34 1.15
N ALA A 39 -15.08 7.26 1.15
CA ALA A 39 -13.84 7.22 1.92
C ALA A 39 -12.72 7.95 1.21
N GLY A 40 -12.53 7.68 -0.08
CA GLY A 40 -11.34 8.13 -0.74
C GLY A 40 -11.58 9.23 -1.76
N GLY A 41 -12.85 9.56 -2.01
CA GLY A 41 -13.23 10.61 -2.94
C GLY A 41 -13.64 10.06 -4.29
N ILE A 42 -14.12 10.97 -5.14
CA ILE A 42 -14.66 10.62 -6.45
C ILE A 42 -13.63 10.98 -7.51
N PHE A 43 -13.11 9.98 -8.23
CA PHE A 43 -12.08 10.22 -9.23
C PHE A 43 -11.90 8.97 -10.08
N ASN A 44 -11.43 9.17 -11.30
CA ASN A 44 -10.98 8.08 -12.17
C ASN A 44 -9.47 8.05 -12.36
N ARG A 45 -8.77 9.13 -12.03
CA ARG A 45 -7.34 9.19 -12.28
C ARG A 45 -6.72 10.18 -11.29
N TYR A 46 -5.39 10.17 -11.24
CA TYR A 46 -4.63 11.04 -10.36
C TYR A 46 -3.85 12.06 -11.18
N ASN A 47 -3.49 13.16 -10.52
CA ASN A 47 -2.41 14.03 -10.97
C ASN A 47 -1.17 13.69 -10.14
N ILE A 48 -0.21 13.02 -10.76
CA ILE A 48 1.02 12.61 -10.06
C ILE A 48 1.95 13.80 -9.97
N LEU A 49 2.30 14.19 -8.76
CA LEU A 49 3.10 15.40 -8.56
C LEU A 49 4.58 15.11 -8.35
N LYS A 50 4.90 14.01 -7.67
CA LYS A 50 6.28 13.70 -7.36
C LYS A 50 6.38 12.21 -7.04
N ILE A 51 7.45 11.56 -7.49
CA ILE A 51 7.73 10.17 -7.12
C ILE A 51 9.16 10.12 -6.60
N GLN A 52 9.32 9.63 -5.37
CA GLN A 52 10.63 9.57 -4.72
C GLN A 52 10.98 8.13 -4.38
N LYS A 53 12.23 7.75 -4.66
CA LYS A 53 12.75 6.49 -4.17
C LYS A 53 13.17 6.65 -2.71
N VAL A 54 12.75 5.72 -1.87
CA VAL A 54 13.11 5.71 -0.46
C VAL A 54 14.33 4.84 -0.27
N CYS A 55 15.41 5.42 0.25
CA CYS A 55 16.69 4.71 0.37
C CYS A 55 17.09 4.66 1.84
N ASN A 56 17.17 3.44 2.37
CA ASN A 56 17.56 3.24 3.77
C ASN A 56 18.23 1.88 3.84
N LYS A 57 19.54 1.89 4.10
CA LYS A 57 20.32 0.66 4.05
C LYS A 57 19.86 -0.31 5.12
N LYS A 58 19.68 0.18 6.35
CA LYS A 58 19.29 -0.68 7.46
C LYS A 58 17.95 -1.35 7.19
N LEU A 59 16.96 -0.55 6.75
CA LEU A 59 15.64 -1.09 6.49
C LEU A 59 15.65 -2.05 5.31
N TRP A 60 16.47 -1.76 4.29
CA TRP A 60 16.52 -2.65 3.14
C TRP A 60 17.11 -4.00 3.51
N GLU A 61 18.21 -3.99 4.27
CA GLU A 61 18.83 -5.25 4.66
C GLU A 61 17.95 -6.01 5.64
N ARG A 62 17.21 -5.30 6.49
CA ARG A 62 16.21 -5.96 7.33
C ARG A 62 15.16 -6.64 6.46
N TYR A 63 14.76 -6.01 5.37
CA TYR A 63 13.78 -6.61 4.47
C TYR A 63 14.36 -7.82 3.74
N THR A 64 15.55 -7.67 3.15
CA THR A 64 16.09 -8.76 2.35
C THR A 64 16.50 -9.95 3.22
N HIS A 65 16.84 -9.69 4.49
CA HIS A 65 17.14 -10.79 5.39
C HIS A 65 15.90 -11.64 5.63
N ARG A 66 14.75 -11.00 5.87
CA ARG A 66 13.53 -11.76 6.06
C ARG A 66 13.07 -12.40 4.74
N ARG A 67 13.30 -11.71 3.62
CA ARG A 67 12.91 -12.27 2.32
C ARG A 67 13.57 -13.62 2.08
N LYS A 68 14.85 -13.73 2.42
CA LYS A 68 15.58 -14.98 2.20
C LYS A 68 15.07 -16.08 3.13
N GLU A 69 14.73 -15.74 4.37
CA GLU A 69 14.14 -16.73 5.27
C GLU A 69 12.83 -17.25 4.69
N VAL A 70 11.96 -16.34 4.26
CA VAL A 70 10.67 -16.75 3.73
C VAL A 70 10.84 -17.62 2.49
N SER A 71 11.68 -17.17 1.56
CA SER A 71 11.99 -17.95 0.37
C SER A 71 12.34 -19.39 0.72
N GLU A 72 13.22 -19.57 1.70
CA GLU A 72 13.67 -20.92 2.03
C GLU A 72 12.58 -21.75 2.69
N GLU A 73 11.54 -21.13 3.23
CA GLU A 73 10.42 -21.88 3.76
C GLU A 73 9.31 -22.11 2.74
N ASN A 74 9.44 -21.58 1.53
CA ASN A 74 8.36 -21.64 0.54
C ASN A 74 8.91 -22.09 -0.80
N HIS A 75 9.55 -23.26 -0.81
CA HIS A 75 10.18 -23.84 -2.01
C HIS A 75 10.90 -22.78 -2.84
N ASN A 76 11.75 -22.01 -2.15
CA ASN A 76 12.66 -21.05 -2.79
C ASN A 76 11.90 -19.96 -3.56
N HIS A 77 10.76 -19.54 -3.03
CA HIS A 77 9.91 -18.56 -3.70
C HIS A 77 9.48 -17.53 -2.65
N ALA A 78 10.10 -16.34 -2.70
CA ALA A 78 9.70 -15.26 -1.79
C ALA A 78 8.27 -14.80 -2.05
N ASN A 79 7.78 -14.97 -3.28
CA ASN A 79 6.47 -14.47 -3.68
C ASN A 79 6.40 -12.97 -3.43
N GLU A 80 7.36 -12.25 -4.01
CA GLU A 80 7.50 -10.82 -3.78
C GLU A 80 6.62 -10.03 -4.74
N ARG A 81 5.85 -9.09 -4.20
CA ARG A 81 4.95 -8.25 -5.00
C ARG A 81 5.29 -6.78 -4.78
N MET A 82 4.78 -5.92 -5.67
CA MET A 82 4.78 -4.47 -5.47
C MET A 82 3.33 -4.04 -5.23
N LEU A 83 3.07 -3.46 -4.05
CA LEU A 83 1.69 -3.21 -3.62
C LEU A 83 1.60 -1.83 -2.98
N PHE A 84 0.39 -1.28 -2.96
CA PHE A 84 0.20 0.05 -2.42
C PHE A 84 -0.13 0.01 -0.94
N HIS A 85 0.26 1.06 -0.23
CA HIS A 85 -0.09 1.24 1.17
C HIS A 85 -0.40 2.72 1.39
N GLY A 86 -1.60 3.01 1.90
CA GLY A 86 -1.94 4.37 2.31
C GLY A 86 -2.09 4.44 3.83
N SER A 87 -1.56 5.51 4.41
CA SER A 87 -1.57 5.62 5.87
C SER A 87 -1.31 7.06 6.30
N PRO A 88 -1.91 7.51 7.40
CA PRO A 88 -1.46 8.78 8.00
C PRO A 88 -0.04 8.72 8.53
N PHE A 89 0.57 7.54 8.62
CA PHE A 89 1.86 7.41 9.26
C PHE A 89 3.00 7.23 8.25
N VAL A 90 2.80 7.70 7.02
CA VAL A 90 3.78 7.47 5.96
C VAL A 90 5.15 8.01 6.36
N ASN A 91 5.20 9.16 7.02
CA ASN A 91 6.49 9.73 7.38
C ASN A 91 7.22 8.87 8.40
N ALA A 92 6.50 8.26 9.34
CA ALA A 92 7.15 7.34 10.26
C ALA A 92 7.60 6.08 9.54
N ILE A 93 6.78 5.58 8.60
CA ILE A 93 7.09 4.32 7.93
C ILE A 93 8.38 4.45 7.13
N ILE A 94 8.57 5.55 6.40
CA ILE A 94 9.76 5.65 5.57
C ILE A 94 11.03 5.88 6.38
N HIS A 95 10.90 6.40 7.60
CA HIS A 95 12.10 6.60 8.41
C HIS A 95 12.39 5.42 9.33
N LYS A 96 11.37 4.76 9.85
CA LYS A 96 11.57 3.70 10.82
C LYS A 96 11.19 2.32 10.31
N GLY A 97 10.49 2.23 9.18
CA GLY A 97 10.00 0.96 8.68
C GLY A 97 8.60 0.65 9.18
N PHE A 98 8.01 -0.38 8.59
CA PHE A 98 6.74 -0.90 9.07
C PHE A 98 6.93 -1.62 10.40
N ASP A 99 5.97 -1.46 11.30
CA ASP A 99 5.91 -2.25 12.51
C ASP A 99 4.47 -2.31 12.99
N GLU A 100 4.25 -2.95 14.15
CA GLU A 100 2.90 -3.22 14.64
C GLU A 100 2.07 -1.95 14.81
N ARG A 101 2.70 -0.81 15.10
CA ARG A 101 1.94 0.42 15.21
C ARG A 101 1.33 0.87 13.89
N HIS A 102 1.76 0.28 12.78
CA HIS A 102 1.17 0.57 11.48
C HIS A 102 0.15 -0.48 11.06
N ALA A 103 -0.21 -1.37 11.98
CA ALA A 103 -1.11 -2.48 11.69
C ALA A 103 -2.56 -2.04 11.82
N TYR A 104 -3.41 -2.63 10.97
CA TYR A 104 -4.85 -2.39 10.97
C TYR A 104 -5.45 -3.27 12.06
N ILE A 105 -5.67 -2.68 13.24
CA ILE A 105 -6.16 -3.47 14.37
C ILE A 105 -7.48 -4.15 14.01
N GLY A 106 -8.40 -3.41 13.38
CA GLY A 106 -9.70 -3.96 13.09
C GLY A 106 -9.85 -4.53 11.69
N GLY A 107 -8.73 -4.82 11.03
CA GLY A 107 -8.79 -5.32 9.67
C GLY A 107 -9.46 -6.68 9.59
N MET A 108 -10.06 -6.97 8.43
CA MET A 108 -10.87 -8.19 8.27
C MET A 108 -10.06 -9.47 8.43
N PHE A 109 -8.75 -9.43 8.24
CA PHE A 109 -7.91 -10.62 8.33
C PHE A 109 -6.98 -10.57 9.55
N GLY A 110 -7.40 -9.87 10.59
CA GLY A 110 -6.61 -9.77 11.81
C GLY A 110 -5.68 -8.57 11.81
N ALA A 111 -5.13 -8.31 13.00
CA ALA A 111 -4.21 -7.18 13.18
C ALA A 111 -2.92 -7.42 12.42
N GLY A 112 -2.85 -6.96 11.18
CA GLY A 112 -1.62 -7.02 10.43
C GLY A 112 -1.43 -5.75 9.63
N ILE A 113 -0.43 -5.74 8.75
CA ILE A 113 -0.18 -4.61 7.87
C ILE A 113 -0.77 -4.93 6.50
N TYR A 114 -1.61 -4.03 5.98
CA TYR A 114 -2.44 -4.29 4.81
C TYR A 114 -1.92 -3.57 3.59
N PHE A 115 -2.01 -4.21 2.43
CA PHE A 115 -1.54 -3.67 1.15
C PHE A 115 -2.60 -3.93 0.09
N ALA A 116 -2.59 -3.12 -0.97
CA ALA A 116 -3.59 -3.29 -2.03
C ALA A 116 -2.95 -3.34 -3.41
N GLU A 117 -3.55 -4.15 -4.29
CA GLU A 117 -3.26 -4.03 -5.72
C GLU A 117 -3.91 -2.79 -6.33
N ASN A 118 -5.10 -2.39 -5.85
CA ASN A 118 -5.74 -1.18 -6.33
C ASN A 118 -5.18 0.04 -5.59
N SER A 119 -4.52 0.92 -6.33
CA SER A 119 -4.08 2.17 -5.72
C SER A 119 -5.24 2.90 -5.05
N SER A 120 -6.42 2.83 -5.65
CA SER A 120 -7.55 3.59 -5.10
C SER A 120 -8.07 2.99 -3.81
N LYS A 121 -7.82 1.71 -3.58
CA LYS A 121 -8.11 1.13 -2.27
C LYS A 121 -7.22 1.75 -1.21
N SER A 122 -5.90 1.82 -1.46
CA SER A 122 -5.01 2.43 -0.48
C SER A 122 -5.30 3.90 -0.29
N ASN A 123 -5.76 4.57 -1.35
CA ASN A 123 -6.13 5.97 -1.23
C ASN A 123 -7.23 6.19 -0.20
N GLN A 124 -8.04 5.17 0.07
CA GLN A 124 -9.09 5.31 1.08
C GLN A 124 -8.54 5.50 2.49
N TYR A 125 -7.24 5.24 2.72
CA TYR A 125 -6.70 5.27 4.07
C TYR A 125 -5.66 6.37 4.28
N VAL A 126 -5.41 7.23 3.29
CA VAL A 126 -4.39 8.24 3.47
C VAL A 126 -4.77 9.18 4.59
N TYR A 127 -6.06 9.50 4.70
CA TYR A 127 -6.51 10.46 5.71
C TYR A 127 -7.11 9.80 6.93
N GLY A 128 -7.05 8.48 7.02
CA GLY A 128 -7.61 7.78 8.16
C GLY A 128 -8.42 6.58 7.73
N ILE A 129 -8.90 5.84 8.74
CA ILE A 129 -9.76 4.69 8.49
C ILE A 129 -11.06 5.20 7.86
N GLY A 130 -11.44 4.60 6.73
CA GLY A 130 -12.58 5.10 6.00
C GLY A 130 -12.41 6.53 5.54
N GLY A 131 -11.17 6.97 5.33
CA GLY A 131 -10.90 8.33 4.95
C GLY A 131 -10.89 9.31 6.10
N GLY A 132 -11.17 8.86 7.32
CA GLY A 132 -11.19 9.75 8.47
C GLY A 132 -12.16 10.89 8.26
N THR A 133 -11.73 12.10 8.61
CA THR A 133 -12.49 13.31 8.33
C THR A 133 -11.98 14.03 7.07
N GLY A 134 -11.22 13.34 6.24
CA GLY A 134 -10.72 13.96 5.02
C GLY A 134 -9.45 14.75 5.26
N CYS A 135 -9.11 15.58 4.27
CA CYS A 135 -7.88 16.36 4.32
C CYS A 135 -7.92 17.29 5.54
N PRO A 136 -6.75 17.55 6.16
CA PRO A 136 -6.76 18.40 7.36
C PRO A 136 -7.15 19.86 7.09
N VAL A 137 -6.94 20.37 5.88
CA VAL A 137 -7.23 21.78 5.64
C VAL A 137 -8.72 22.01 5.43
N HIS A 138 -9.37 21.18 4.61
CA HIS A 138 -10.77 21.40 4.25
C HIS A 138 -11.73 20.38 4.86
N LYS A 139 -11.22 19.37 5.57
CA LYS A 139 -12.06 18.30 6.11
C LYS A 139 -12.88 17.66 5.00
N ASP A 140 -12.24 17.39 3.87
CA ASP A 140 -12.92 16.92 2.66
C ASP A 140 -12.30 15.61 2.22
N ARG A 141 -13.04 14.51 2.35
CA ARG A 141 -12.50 13.22 1.92
C ARG A 141 -12.35 13.16 0.41
N SER A 142 -13.00 14.06 -0.33
CA SER A 142 -12.87 14.11 -1.78
C SER A 142 -12.08 15.34 -2.25
N CYS A 143 -11.21 15.87 -1.40
CA CYS A 143 -10.49 17.10 -1.75
C CYS A 143 -9.67 16.90 -3.02
N TYR A 144 -9.85 17.79 -3.99
CA TYR A 144 -9.05 17.82 -5.20
C TYR A 144 -7.87 18.78 -5.10
N ILE A 145 -7.76 19.52 -4.01
CA ILE A 145 -6.73 20.54 -3.85
C ILE A 145 -5.51 19.99 -3.13
N CYS A 146 -5.72 19.37 -1.98
CA CYS A 146 -4.61 19.02 -1.10
C CYS A 146 -3.83 17.85 -1.66
N HIS A 147 -2.52 17.85 -1.41
CA HIS A 147 -1.63 16.80 -1.88
C HIS A 147 -1.74 15.60 -0.96
N ARG A 148 -1.86 14.41 -1.54
CA ARG A 148 -1.88 13.16 -0.83
C ARG A 148 -0.56 12.43 -1.08
N GLN A 149 -0.26 11.45 -0.22
CA GLN A 149 0.90 10.60 -0.40
C GLN A 149 0.51 9.13 -0.20
N LEU A 150 0.96 8.27 -1.12
CA LEU A 150 0.86 6.82 -0.99
C LEU A 150 2.26 6.22 -1.02
N LEU A 151 2.37 4.98 -0.55
CA LEU A 151 3.58 4.21 -0.70
C LEU A 151 3.37 3.08 -1.70
N PHE A 152 4.37 2.84 -2.52
CA PHE A 152 4.36 1.70 -3.44
C PHE A 152 5.48 0.80 -2.93
N CYS A 153 5.11 -0.36 -2.37
CA CYS A 153 6.01 -1.10 -1.49
C CYS A 153 6.36 -2.48 -2.05
N ARG A 154 7.58 -2.91 -1.73
CA ARG A 154 8.00 -4.27 -2.00
C ARG A 154 7.55 -5.13 -0.83
N VAL A 155 6.78 -6.20 -1.11
CA VAL A 155 6.13 -7.00 -0.08
C VAL A 155 6.40 -8.48 -0.32
N THR A 156 6.92 -9.16 0.69
CA THR A 156 7.17 -10.60 0.64
C THR A 156 5.94 -11.35 1.15
N LEU A 157 5.27 -12.10 0.27
CA LEU A 157 4.08 -12.85 0.69
C LEU A 157 4.38 -14.28 1.12
N GLY A 158 5.48 -14.87 0.65
CA GLY A 158 5.72 -16.28 0.87
C GLY A 158 4.52 -17.15 0.52
N LYS A 159 4.30 -18.17 1.35
CA LYS A 159 3.10 -18.99 1.24
C LYS A 159 1.92 -18.19 1.78
N SER A 160 1.03 -17.76 0.88
CA SER A 160 -0.08 -16.88 1.25
C SER A 160 -1.34 -17.70 1.46
N PHE A 161 -1.98 -17.50 2.62
CA PHE A 161 -3.26 -18.12 2.91
C PHE A 161 -4.36 -17.41 2.11
N LEU A 162 -5.07 -18.18 1.30
CA LEU A 162 -6.08 -17.63 0.42
C LEU A 162 -7.40 -17.54 1.16
N GLN A 163 -7.92 -16.32 1.29
CA GLN A 163 -9.16 -16.06 2.00
C GLN A 163 -10.11 -15.39 1.03
N PHE A 164 -11.19 -16.08 0.67
CA PHE A 164 -12.19 -15.55 -0.25
C PHE A 164 -13.18 -14.72 0.56
N SER A 165 -13.01 -13.41 0.52
CA SER A 165 -13.88 -12.48 1.21
C SER A 165 -14.98 -12.01 0.28
N ALA A 166 -16.12 -11.64 0.87
CA ALA A 166 -17.28 -11.20 0.11
C ALA A 166 -17.20 -9.74 -0.28
N MET A 167 -16.01 -9.22 -0.55
CA MET A 167 -15.80 -7.82 -0.91
C MET A 167 -15.68 -7.62 -2.42
N MET B 1 0.52 -7.21 17.18
CA MET B 1 0.06 -7.81 15.93
C MET B 1 -0.36 -9.27 16.13
N ALA B 2 -1.12 -9.80 15.17
CA ALA B 2 -1.50 -11.20 15.18
C ALA B 2 -0.49 -12.01 14.39
N HIS B 3 -0.75 -13.30 14.22
CA HIS B 3 0.15 -14.17 13.47
C HIS B 3 -0.52 -14.61 12.18
N SER B 4 0.30 -14.94 11.18
CA SER B 4 -0.22 -15.53 9.98
C SER B 4 -0.66 -16.97 10.27
N PRO B 5 -1.54 -17.53 9.44
CA PRO B 5 -1.96 -18.91 9.66
C PRO B 5 -0.76 -19.83 9.70
N PRO B 6 -0.79 -20.87 10.53
CA PRO B 6 0.33 -21.80 10.61
C PRO B 6 0.76 -22.27 9.23
N GLY B 7 2.07 -22.30 9.01
CA GLY B 7 2.63 -22.71 7.73
C GLY B 7 2.57 -21.66 6.64
N HIS B 8 2.09 -20.45 6.93
CA HIS B 8 1.95 -19.40 5.95
C HIS B 8 2.72 -18.15 6.39
N HIS B 9 2.95 -17.24 5.44
CA HIS B 9 3.68 -16.00 5.72
C HIS B 9 2.83 -14.76 5.50
N SER B 10 1.59 -14.90 5.06
CA SER B 10 0.75 -13.75 4.72
C SER B 10 -0.65 -14.29 4.44
N VAL B 11 -1.59 -13.36 4.25
CA VAL B 11 -2.94 -13.70 3.87
C VAL B 11 -3.27 -12.93 2.59
N THR B 12 -3.89 -13.61 1.63
CA THR B 12 -4.43 -12.99 0.44
C THR B 12 -5.93 -12.85 0.61
N GLY B 13 -6.41 -11.62 0.63
CA GLY B 13 -7.83 -11.35 0.65
C GLY B 13 -8.33 -11.17 -0.77
N ARG B 14 -9.02 -12.16 -1.30
CA ARG B 14 -9.41 -12.12 -2.71
C ARG B 14 -10.91 -11.85 -2.81
N PRO B 15 -11.31 -10.66 -3.28
CA PRO B 15 -12.74 -10.34 -3.37
C PRO B 15 -13.47 -11.32 -4.28
N SER B 16 -14.56 -11.88 -3.77
CA SER B 16 -15.31 -12.89 -4.49
C SER B 16 -16.63 -12.39 -5.05
N VAL B 17 -17.02 -11.14 -4.78
CA VAL B 17 -18.28 -10.58 -5.25
C VAL B 17 -18.05 -9.51 -6.32
N ASN B 18 -17.18 -8.54 -6.04
CA ASN B 18 -16.84 -7.56 -7.06
C ASN B 18 -15.77 -8.14 -7.98
N GLY B 19 -16.15 -8.40 -9.22
CA GLY B 19 -15.22 -8.95 -10.19
C GLY B 19 -14.10 -8.02 -10.59
N LEU B 20 -14.29 -6.70 -10.40
CA LEU B 20 -13.29 -5.70 -10.75
C LEU B 20 -12.37 -5.34 -9.58
N ALA B 21 -12.67 -5.78 -8.38
CA ALA B 21 -11.82 -5.47 -7.24
C ALA B 21 -10.62 -6.40 -7.24
N LEU B 22 -9.43 -5.83 -7.09
CA LEU B 22 -8.22 -6.62 -7.06
C LEU B 22 -7.92 -7.03 -5.61
N ALA B 23 -6.89 -7.85 -5.43
CA ALA B 23 -6.65 -8.45 -4.13
C ALA B 23 -6.08 -7.47 -3.14
N GLU B 24 -6.26 -7.81 -1.87
CA GLU B 24 -5.66 -7.13 -0.74
C GLU B 24 -4.85 -8.18 0.03
N TYR B 25 -3.75 -7.73 0.64
CA TYR B 25 -2.77 -8.65 1.24
C TYR B 25 -2.45 -8.18 2.65
N VAL B 26 -2.18 -9.14 3.53
CA VAL B 26 -1.83 -8.85 4.91
C VAL B 26 -0.55 -9.58 5.27
N ILE B 27 0.39 -8.86 5.87
CA ILE B 27 1.57 -9.46 6.48
C ILE B 27 1.55 -9.13 7.97
N TYR B 28 2.26 -9.94 8.74
CA TYR B 28 2.21 -9.85 10.20
C TYR B 28 3.56 -9.55 10.80
N ARG B 29 4.56 -9.29 9.96
CA ARG B 29 5.88 -8.86 10.37
C ARG B 29 6.26 -7.66 9.53
N GLY B 30 6.65 -6.55 10.18
CA GLY B 30 7.02 -5.35 9.44
C GLY B 30 8.20 -5.59 8.51
N GLU B 31 9.09 -6.50 8.89
CA GLU B 31 10.26 -6.83 8.07
C GLU B 31 9.89 -7.44 6.72
N GLN B 32 8.63 -7.79 6.48
CA GLN B 32 8.26 -8.36 5.19
C GLN B 32 7.77 -7.31 4.19
N ALA B 33 7.97 -6.03 4.45
CA ALA B 33 7.69 -5.02 3.44
C ALA B 33 8.73 -3.91 3.52
N TYR B 34 9.04 -3.33 2.37
CA TYR B 34 9.94 -2.19 2.27
C TYR B 34 9.23 -1.08 1.52
N PRO B 35 9.14 0.14 2.07
CA PRO B 35 8.45 1.25 1.38
C PRO B 35 9.29 1.89 0.28
N GLU B 36 9.26 1.26 -0.90
CA GLU B 36 10.24 1.57 -1.94
C GLU B 36 10.04 2.96 -2.57
N TYR B 37 8.79 3.33 -2.87
CA TYR B 37 8.49 4.59 -3.53
C TYR B 37 7.49 5.39 -2.71
N LEU B 38 7.73 6.69 -2.62
CA LEU B 38 6.82 7.63 -1.98
C LEU B 38 6.22 8.49 -3.08
N ILE B 39 4.90 8.42 -3.25
CA ILE B 39 4.20 9.05 -4.38
C ILE B 39 3.35 10.18 -3.85
N THR B 40 3.56 11.39 -4.36
CA THR B 40 2.76 12.56 -4.00
C THR B 40 1.82 12.89 -5.15
N TYR B 41 0.54 13.11 -4.83
CA TYR B 41 -0.46 13.16 -5.89
C TYR B 41 -1.72 13.88 -5.40
N GLN B 42 -2.57 14.23 -6.34
CA GLN B 42 -3.94 14.65 -6.07
C GLN B 42 -4.88 13.72 -6.82
N ILE B 43 -6.07 13.48 -6.27
CA ILE B 43 -7.12 12.86 -7.08
C ILE B 43 -7.66 13.93 -8.01
N MET B 44 -8.18 13.54 -9.17
CA MET B 44 -8.67 14.50 -10.14
C MET B 44 -10.19 14.44 -10.24
N ARG B 45 -10.80 15.62 -10.29
CA ARG B 45 -12.24 15.70 -10.45
C ARG B 45 -12.62 15.20 -11.85
N PRO B 46 -13.56 14.25 -11.95
CA PRO B 46 -13.93 13.72 -13.27
C PRO B 46 -14.50 14.80 -14.19
N GLU B 47 -14.19 14.65 -15.48
CA GLU B 47 -14.68 15.60 -16.48
C GLU B 47 -16.08 15.25 -16.93
ZN ZN C . -8.12 19.88 1.21
C10 9SU D . -4.36 2.41 9.37
C11 9SU D . -4.71 3.51 10.34
C12 9SU D . -5.35 4.68 10.18
C14 9SU D . -5.64 5.61 11.19
C15 9SU D . -5.23 5.22 12.50
C01 9SU D . -5.34 -1.25 1.45
C02 9SU D . -5.08 -0.67 2.82
C03 9SU D . -4.02 0.32 3.00
C06 9SU D . -4.66 0.32 5.38
C08 9SU D . -5.14 0.49 7.89
C09 9SU D . -5.52 1.62 8.83
C16 9SU D . -4.57 3.98 12.73
C17 9SU D . -4.34 3.12 11.63
C19 9SU D . -3.65 1.37 10.23
C20 9SU D . -3.64 2.95 8.16
C21 9SU D . -3.29 1.92 7.06
C23 9SU D . -5.79 -1.06 3.89
C24 9SU D . -6.95 -2.15 3.72
C25 9SU D . -7.31 -2.47 2.29
C26 9SU D . -6.05 -2.59 1.47
N05 9SU D . -3.79 0.87 4.34
N07 9SU D . -4.38 0.91 6.70
N18 9SU D . -3.70 1.85 11.64
N22 9SU D . -5.56 -0.56 5.17
O04 9SU D . -3.27 0.80 2.10
CL1 9SU D . -5.87 5.13 8.49
P PO4 E . -14.96 -1.12 -1.90
O1 PO4 E . -15.37 -1.23 -3.35
O2 PO4 E . -15.36 -2.34 -1.15
O3 PO4 E . -13.47 -0.93 -1.77
O4 PO4 E . -15.65 0.09 -1.29
C1 GOL F . -9.82 -4.10 5.44
O1 GOL F . -10.45 -5.01 6.31
C2 GOL F . -9.85 -4.67 4.00
O2 GOL F . -9.13 -5.86 3.86
C3 GOL F . -11.35 -4.83 3.62
O3 GOL F . -11.55 -4.11 2.45
#